data_2CI5
#
_entry.id   2CI5
#
_cell.length_a   44.603
_cell.length_b   79.363
_cell.length_c   78.617
_cell.angle_alpha   90.00
_cell.angle_beta   104.80
_cell.angle_gamma   90.00
#
_symmetry.space_group_name_H-M   'P 1 21 1'
#
loop_
_entity.id
_entity.type
_entity.pdbx_description
1 polymer 'NG, NG-DIMETHYLARGININE DIMETHYLAMINOHYDROLASE 1'
2 non-polymer '2-AMINO-4-MERCAPTO-BUTYRIC ACID'
3 non-polymer 'CITRIC ACID'
4 water water
#
_entity_poly.entity_id   1
_entity_poly.type   'polypeptide(L)'
_entity_poly.pdbx_seq_one_letter_code
;ASLGHPATFGRATHVVVRALPESLAQQALRRTKGDEVDFARAERQHQLYVGVLGSKLGLQVVQLPADESLPDCVFVEDVA
VVCEETALITRPGAPSRRKEADMMKEALEKLQLNIVEMKDENATLDGGDVLFTGREFFVGLSKRTNQRGAEILADTFKDY
AVSTVPVVDALHLKSFCSMAGPNLIAIGSSESAQKALKIMQQMSDHRYDKLTVPDDTAANCIYLNIPSKGHVLLHRTPEE
YPESAKVYEKLKDHMLIPVSNSELEKVDGLLTCSSVLINKKVDS
;
_entity_poly.pdbx_strand_id   A,B
#
loop_
_chem_comp.id
_chem_comp.type
_chem_comp.name
_chem_comp.formula
CIT non-polymer 'CITRIC ACID' 'C6 H8 O7'
#
# COMPACT_ATOMS: atom_id res chain seq x y z
N PHE A 9 26.54 2.17 3.83
CA PHE A 9 25.94 1.78 2.51
C PHE A 9 24.57 1.12 2.68
N GLY A 10 23.63 1.52 1.84
CA GLY A 10 22.31 0.94 1.89
C GLY A 10 21.36 1.57 2.89
N ARG A 11 21.82 2.50 3.71
CA ARG A 11 20.94 3.13 4.67
C ARG A 11 20.10 4.20 3.97
N ALA A 12 18.87 4.38 4.44
CA ALA A 12 17.98 5.37 3.84
C ALA A 12 16.96 5.80 4.87
N THR A 13 16.48 7.02 4.73
CA THR A 13 15.48 7.58 5.62
C THR A 13 14.26 8.05 4.85
N HIS A 14 14.47 8.41 3.58
CA HIS A 14 13.39 8.90 2.72
C HIS A 14 13.42 8.24 1.35
N VAL A 15 12.27 8.25 0.67
CA VAL A 15 12.20 7.68 -0.66
C VAL A 15 11.19 8.44 -1.52
N VAL A 16 11.60 8.74 -2.74
CA VAL A 16 10.71 9.45 -3.65
C VAL A 16 10.17 8.46 -4.66
N VAL A 17 8.86 8.49 -4.86
CA VAL A 17 8.21 7.62 -5.84
C VAL A 17 7.22 8.51 -6.56
N ARG A 18 6.66 8.04 -7.66
CA ARG A 18 5.70 8.83 -8.41
C ARG A 18 4.59 7.91 -8.92
N ALA A 19 3.36 8.40 -8.90
CA ALA A 19 2.20 7.61 -9.32
C ALA A 19 2.18 7.32 -10.82
N LEU A 20 1.57 6.19 -11.17
CA LEU A 20 1.46 5.78 -12.57
C LEU A 20 0.38 6.58 -13.28
N PRO A 21 0.67 7.10 -14.48
CA PRO A 21 -0.34 7.85 -15.22
C PRO A 21 -1.08 6.81 -16.06
N GLU A 22 -2.36 7.03 -16.32
CA GLU A 22 -3.13 6.07 -17.12
C GLU A 22 -2.48 5.90 -18.49
N SER A 23 -1.82 6.94 -18.96
CA SER A 23 -1.17 6.90 -20.27
C SER A 23 -0.02 5.89 -20.35
N LEU A 24 0.46 5.44 -19.19
CA LEU A 24 1.57 4.49 -19.19
C LEU A 24 1.24 3.18 -19.90
N ALA A 25 0.03 2.67 -19.69
CA ALA A 25 -0.37 1.40 -20.29
C ALA A 25 -0.03 1.26 -21.77
N GLN A 26 -0.48 2.21 -22.57
CA GLN A 26 -0.24 2.16 -24.01
C GLN A 26 0.84 3.09 -24.55
N GLN A 27 1.18 4.14 -23.81
CA GLN A 27 2.14 5.13 -24.30
C GLN A 27 3.55 5.16 -23.71
N ALA A 28 3.81 4.34 -22.70
CA ALA A 28 5.15 4.31 -22.14
C ALA A 28 6.10 3.67 -23.15
N LEU A 29 7.34 4.12 -23.18
CA LEU A 29 8.35 3.59 -24.09
C LEU A 29 8.65 2.14 -23.68
N ARG A 30 8.94 1.29 -24.67
CA ARG A 30 9.27 -0.09 -24.38
C ARG A 30 10.02 -0.76 -25.54
N ARG A 31 11.01 -1.59 -25.21
CA ARG A 31 11.81 -2.26 -26.24
C ARG A 31 11.13 -3.43 -26.92
N THR A 32 10.21 -4.08 -26.23
CA THR A 32 9.51 -5.23 -26.78
C THR A 32 8.02 -4.96 -26.75
N LYS A 33 7.29 -5.56 -27.69
CA LYS A 33 5.85 -5.37 -27.74
C LYS A 33 5.11 -6.68 -27.51
N GLY A 34 5.27 -7.24 -26.32
CA GLY A 34 4.60 -8.50 -25.99
C GLY A 34 3.27 -8.26 -25.31
N ASP A 35 2.96 -9.06 -24.28
CA ASP A 35 1.71 -8.91 -23.56
C ASP A 35 1.48 -7.43 -23.25
N GLU A 36 0.24 -6.99 -23.39
CA GLU A 36 -0.08 -5.61 -23.12
C GLU A 36 -0.22 -5.41 -21.61
N VAL A 37 0.01 -4.18 -21.16
CA VAL A 37 -0.07 -3.85 -19.73
C VAL A 37 -1.48 -3.90 -19.16
N ASP A 38 -1.63 -4.50 -17.98
CA ASP A 38 -2.91 -4.53 -17.27
C ASP A 38 -2.70 -3.40 -16.26
N PHE A 39 -3.23 -2.22 -16.56
CA PHE A 39 -3.02 -1.05 -15.71
C PHE A 39 -3.50 -1.21 -14.27
N ALA A 40 -4.66 -1.84 -14.08
CA ALA A 40 -5.17 -2.07 -12.73
C ALA A 40 -4.16 -2.90 -11.92
N ARG A 41 -3.62 -3.94 -12.55
CA ARG A 41 -2.64 -4.79 -11.87
C ARG A 41 -1.35 -4.00 -11.63
N ALA A 42 -0.96 -3.17 -12.59
CA ALA A 42 0.24 -2.35 -12.42
C ALA A 42 0.10 -1.46 -11.19
N GLU A 43 -1.08 -0.86 -11.02
CA GLU A 43 -1.34 0.00 -9.87
C GLU A 43 -1.24 -0.80 -8.58
N ARG A 44 -1.82 -2.01 -8.57
CA ARG A 44 -1.75 -2.84 -7.36
C ARG A 44 -0.30 -3.16 -7.01
N GLN A 45 0.50 -3.48 -8.02
CA GLN A 45 1.89 -3.83 -7.78
C GLN A 45 2.65 -2.64 -7.22
N HIS A 46 2.37 -1.45 -7.73
CA HIS A 46 3.02 -0.22 -7.24
C HIS A 46 2.61 0.04 -5.78
N GLN A 47 1.35 -0.22 -5.43
CA GLN A 47 0.89 0.02 -4.05
C GLN A 47 1.67 -0.84 -3.05
N LEU A 48 1.88 -2.11 -3.40
CA LEU A 48 2.60 -3.03 -2.51
C LEU A 48 4.03 -2.53 -2.32
N TYR A 49 4.66 -2.18 -3.42
CA TYR A 49 6.03 -1.65 -3.44
C TYR A 49 6.13 -0.44 -2.49
N VAL A 50 5.26 0.54 -2.67
CA VAL A 50 5.26 1.74 -1.83
C VAL A 50 4.94 1.39 -0.38
N GLY A 51 4.02 0.44 -0.20
CA GLY A 51 3.64 0.01 1.14
C GLY A 51 4.80 -0.61 1.90
N VAL A 52 5.58 -1.45 1.23
CA VAL A 52 6.72 -2.07 1.89
C VAL A 52 7.74 -1.00 2.31
N LEU A 53 8.06 -0.09 1.41
CA LEU A 53 9.04 0.96 1.71
C LEU A 53 8.62 1.88 2.87
N GLY A 54 7.37 2.31 2.85
CA GLY A 54 6.88 3.21 3.87
C GLY A 54 6.49 2.58 5.18
N SER A 55 5.62 1.56 5.14
CA SER A 55 5.18 0.94 6.37
C SER A 55 6.14 -0.09 6.95
N LYS A 56 6.43 -1.16 6.22
CA LYS A 56 7.32 -2.18 6.75
C LYS A 56 8.73 -1.68 7.07
N LEU A 57 9.32 -0.91 6.15
CA LEU A 57 10.69 -0.43 6.35
C LEU A 57 10.82 0.95 6.97
N GLY A 58 9.67 1.60 7.21
CA GLY A 58 9.63 2.90 7.87
C GLY A 58 10.19 4.14 7.18
N LEU A 59 10.40 4.09 5.87
CA LEU A 59 10.93 5.25 5.18
C LEU A 59 9.86 6.32 5.00
N GLN A 60 10.29 7.58 4.98
CA GLN A 60 9.37 8.68 4.78
C GLN A 60 9.20 8.73 3.27
N VAL A 61 7.99 8.46 2.81
CA VAL A 61 7.69 8.42 1.38
C VAL A 61 7.17 9.75 0.82
N VAL A 62 7.79 10.21 -0.25
CA VAL A 62 7.37 11.44 -0.92
C VAL A 62 6.72 10.90 -2.20
N GLN A 63 5.39 11.02 -2.29
CA GLN A 63 4.65 10.50 -3.43
C GLN A 63 4.31 11.60 -4.43
N LEU A 64 5.04 11.64 -5.54
CA LEU A 64 4.81 12.66 -6.57
C LEU A 64 3.57 12.26 -7.37
N PRO A 65 2.78 13.24 -7.82
CA PRO A 65 1.57 12.96 -8.59
C PRO A 65 1.90 12.62 -10.03
N ALA A 66 1.06 11.82 -10.65
CA ALA A 66 1.23 11.43 -12.03
C ALA A 66 0.93 12.63 -12.93
N ASP A 67 1.53 12.63 -14.12
CA ASP A 67 1.32 13.66 -15.12
C ASP A 67 1.05 12.87 -16.40
N GLU A 68 -0.19 12.89 -16.86
CA GLU A 68 -0.58 12.14 -18.05
C GLU A 68 0.27 12.40 -19.28
N SER A 69 0.87 13.59 -19.37
CA SER A 69 1.69 13.91 -20.53
C SER A 69 3.08 13.28 -20.44
N LEU A 70 3.37 12.59 -19.34
CA LEU A 70 4.67 11.93 -19.13
C LEU A 70 4.38 10.47 -18.76
N PRO A 71 4.09 9.63 -19.77
CA PRO A 71 3.78 8.21 -19.61
C PRO A 71 4.76 7.37 -18.80
N ASP A 72 6.00 7.80 -18.73
CA ASP A 72 7.02 7.05 -17.99
C ASP A 72 7.39 7.68 -16.67
N CYS A 73 6.57 8.62 -16.17
CA CYS A 73 6.91 9.33 -14.94
C CYS A 73 7.06 8.49 -13.67
N VAL A 74 6.54 7.27 -13.66
CA VAL A 74 6.68 6.43 -12.47
C VAL A 74 8.14 6.02 -12.24
N PHE A 75 8.94 5.98 -13.31
CA PHE A 75 10.34 5.55 -13.22
C PHE A 75 11.29 6.67 -12.79
N VAL A 76 11.09 7.12 -11.56
CA VAL A 76 11.87 8.20 -10.99
C VAL A 76 13.38 7.99 -10.94
N GLU A 77 13.82 6.75 -10.86
CA GLU A 77 15.25 6.47 -10.81
C GLU A 77 16.06 7.10 -11.94
N ASP A 78 15.48 7.12 -13.15
CA ASP A 78 16.19 7.68 -14.28
C ASP A 78 16.40 9.19 -14.27
N VAL A 79 15.65 9.91 -13.43
CA VAL A 79 15.77 11.37 -13.41
C VAL A 79 16.70 11.94 -12.33
N ALA A 80 17.18 11.10 -11.43
CA ALA A 80 18.07 11.61 -10.40
C ALA A 80 19.00 10.53 -9.87
N VAL A 81 20.22 10.94 -9.53
CA VAL A 81 21.19 10.05 -8.93
C VAL A 81 21.59 10.74 -7.62
N VAL A 82 21.42 10.03 -6.50
CA VAL A 82 21.74 10.60 -5.20
C VAL A 82 22.93 9.91 -4.56
N CYS A 83 23.88 10.71 -4.09
CA CYS A 83 25.05 10.18 -3.41
C CYS A 83 25.26 11.06 -2.20
N GLU A 84 25.11 10.46 -1.02
CA GLU A 84 25.26 11.19 0.23
C GLU A 84 24.29 12.37 0.27
N GLU A 85 24.82 13.60 0.33
CA GLU A 85 23.93 14.77 0.40
C GLU A 85 23.80 15.52 -0.91
N THR A 86 24.27 14.92 -1.99
CA THR A 86 24.19 15.58 -3.29
C THR A 86 23.37 14.79 -4.29
N ALA A 87 22.52 15.49 -5.02
CA ALA A 87 21.68 14.85 -6.02
C ALA A 87 21.94 15.45 -7.39
N LEU A 88 22.20 14.58 -8.36
CA LEU A 88 22.42 15.02 -9.73
C LEU A 88 21.08 14.82 -10.45
N ILE A 89 20.52 15.91 -10.97
CA ILE A 89 19.28 15.82 -11.72
C ILE A 89 19.79 15.55 -13.13
N THR A 90 19.43 14.40 -13.68
CA THR A 90 19.92 14.01 -15.00
C THR A 90 19.17 14.66 -16.14
N ARG A 91 19.65 14.39 -17.34
CA ARG A 91 19.02 14.86 -18.57
C ARG A 91 18.78 13.53 -19.27
N PRO A 92 17.58 12.95 -19.09
CA PRO A 92 17.18 11.67 -19.69
C PRO A 92 17.44 11.52 -21.17
N GLY A 93 17.85 10.32 -21.56
CA GLY A 93 18.14 10.07 -22.96
C GLY A 93 16.89 10.18 -23.84
N ALA A 94 15.73 9.87 -23.28
CA ALA A 94 14.49 9.93 -24.04
C ALA A 94 13.87 11.32 -23.94
N PRO A 95 13.68 11.99 -25.08
CA PRO A 95 13.10 13.34 -25.08
C PRO A 95 11.77 13.43 -24.36
N SER A 96 10.93 12.40 -24.52
CA SER A 96 9.61 12.36 -23.90
C SER A 96 9.65 12.30 -22.38
N ARG A 97 10.84 12.14 -21.82
CA ARG A 97 10.98 12.04 -20.36
C ARG A 97 11.70 13.24 -19.71
N ARG A 98 12.23 14.14 -20.53
CA ARG A 98 12.95 15.31 -20.01
C ARG A 98 12.20 16.11 -18.94
N LYS A 99 10.92 16.40 -19.17
CA LYS A 99 10.11 17.17 -18.23
C LYS A 99 9.92 16.51 -16.87
N GLU A 100 10.23 15.23 -16.77
CA GLU A 100 10.10 14.54 -15.50
C GLU A 100 11.07 15.11 -14.47
N ALA A 101 12.13 15.73 -14.97
CA ALA A 101 13.14 16.32 -14.10
C ALA A 101 12.61 17.45 -13.21
N ASP A 102 11.64 18.21 -13.71
CA ASP A 102 11.10 19.34 -12.96
C ASP A 102 10.59 19.02 -11.58
N MET A 103 9.66 18.08 -11.51
CA MET A 103 9.09 17.73 -10.22
C MET A 103 10.10 17.04 -9.32
N MET A 104 11.01 16.27 -9.91
CA MET A 104 12.02 15.59 -9.11
C MET A 104 12.96 16.61 -8.50
N LYS A 105 13.37 17.58 -9.29
CA LYS A 105 14.27 18.61 -8.79
C LYS A 105 13.63 19.32 -7.59
N GLU A 106 12.34 19.61 -7.69
CA GLU A 106 11.61 20.28 -6.62
C GLU A 106 11.54 19.41 -5.36
N ALA A 107 11.22 18.13 -5.53
CA ALA A 107 11.13 17.24 -4.39
C ALA A 107 12.46 17.09 -3.66
N LEU A 108 13.55 17.01 -4.41
CA LEU A 108 14.87 16.85 -3.81
C LEU A 108 15.35 18.14 -3.16
N GLU A 109 14.92 19.28 -3.70
CA GLU A 109 15.27 20.56 -3.10
C GLU A 109 14.63 20.58 -1.71
N LYS A 110 13.36 20.16 -1.66
CA LYS A 110 12.62 20.14 -0.40
C LYS A 110 13.22 19.16 0.60
N LEU A 111 13.95 18.15 0.14
CA LEU A 111 14.58 17.20 1.06
C LEU A 111 15.92 17.76 1.49
N GLN A 112 16.21 18.98 1.06
CA GLN A 112 17.43 19.70 1.42
C GLN A 112 18.73 19.15 0.88
N LEU A 113 18.67 18.51 -0.28
CA LEU A 113 19.87 17.98 -0.88
C LEU A 113 20.55 19.08 -1.70
N ASN A 114 21.85 18.94 -1.90
CA ASN A 114 22.60 19.86 -2.73
C ASN A 114 22.27 19.38 -4.13
N ILE A 115 21.76 20.27 -4.96
CA ILE A 115 21.34 19.92 -6.31
C ILE A 115 22.29 20.35 -7.42
N VAL A 116 22.63 19.41 -8.30
CA VAL A 116 23.48 19.68 -9.46
C VAL A 116 22.67 19.21 -10.67
N GLU A 117 22.47 20.10 -11.63
CA GLU A 117 21.70 19.75 -12.83
C GLU A 117 22.60 19.47 -14.02
N MET A 118 22.24 18.47 -14.81
CA MET A 118 22.97 18.14 -16.03
C MET A 118 22.33 19.02 -17.10
N LYS A 119 22.97 20.14 -17.43
CA LYS A 119 22.40 21.09 -18.41
C LYS A 119 22.95 20.96 -19.84
N ASP A 120 24.15 20.43 -20.00
CA ASP A 120 24.77 20.27 -21.31
C ASP A 120 23.83 19.61 -22.31
N GLU A 121 23.49 20.32 -23.39
CA GLU A 121 22.58 19.78 -24.40
C GLU A 121 23.16 18.64 -25.23
N ASN A 122 24.43 18.32 -25.01
CA ASN A 122 25.07 17.23 -25.74
C ASN A 122 25.24 16.04 -24.82
N ALA A 123 24.72 16.17 -23.61
CA ALA A 123 24.84 15.11 -22.61
C ALA A 123 23.49 14.51 -22.23
N THR A 124 23.47 13.19 -22.07
CA THR A 124 22.27 12.49 -21.65
C THR A 124 22.71 11.41 -20.68
N LEU A 125 21.85 11.13 -19.70
CA LEU A 125 22.13 10.13 -18.69
C LEU A 125 20.83 9.69 -18.04
N ASP A 126 20.63 8.38 -17.95
CA ASP A 126 19.45 7.80 -17.29
C ASP A 126 20.01 7.25 -15.98
N GLY A 127 19.36 7.60 -14.87
CA GLY A 127 19.83 7.11 -13.58
C GLY A 127 19.88 5.60 -13.53
N GLY A 128 19.10 4.95 -14.38
CA GLY A 128 19.06 3.50 -14.42
C GLY A 128 20.36 2.89 -14.93
N ASP A 129 21.17 3.70 -15.59
CA ASP A 129 22.44 3.23 -16.10
C ASP A 129 23.54 3.38 -15.04
N VAL A 130 23.19 3.89 -13.87
CA VAL A 130 24.19 4.09 -12.83
C VAL A 130 24.12 3.08 -11.69
N LEU A 131 25.24 2.41 -11.44
CA LEU A 131 25.31 1.43 -10.35
C LEU A 131 26.32 1.97 -9.34
N PHE A 132 25.84 2.36 -8.17
CA PHE A 132 26.73 2.90 -7.13
C PHE A 132 26.92 1.77 -6.14
N THR A 133 28.16 1.31 -5.98
CA THR A 133 28.43 0.20 -5.09
C THR A 133 28.70 0.61 -3.65
N GLY A 134 28.81 1.91 -3.41
CA GLY A 134 29.11 2.39 -2.07
C GLY A 134 30.59 2.75 -2.04
N ARG A 135 31.34 2.15 -2.96
CA ARG A 135 32.78 2.38 -3.09
C ARG A 135 33.10 3.16 -4.36
N GLU A 136 32.33 2.95 -5.41
CA GLU A 136 32.57 3.63 -6.69
C GLU A 136 31.32 3.57 -7.55
N PHE A 137 31.40 4.17 -8.73
CA PHE A 137 30.29 4.17 -9.66
C PHE A 137 30.63 3.46 -10.94
N PHE A 138 29.66 2.73 -11.46
CA PHE A 138 29.79 2.10 -12.76
C PHE A 138 28.66 2.75 -13.55
N VAL A 139 28.96 3.26 -14.75
CA VAL A 139 27.93 3.90 -15.55
C VAL A 139 27.84 3.24 -16.91
N GLY A 140 26.64 2.77 -17.25
CA GLY A 140 26.48 2.12 -18.53
C GLY A 140 26.34 3.13 -19.68
N LEU A 141 27.05 2.86 -20.78
CA LEU A 141 26.93 3.70 -21.96
C LEU A 141 25.91 2.93 -22.79
N SER A 142 24.73 3.50 -22.93
CA SER A 142 23.63 2.85 -23.64
C SER A 142 23.01 3.80 -24.64
N LYS A 143 21.80 3.48 -25.09
CA LYS A 143 21.13 4.35 -26.03
C LYS A 143 20.58 5.55 -25.30
N ARG A 144 20.62 5.49 -23.96
CA ARG A 144 20.10 6.57 -23.12
C ARG A 144 21.18 7.42 -22.47
N THR A 145 22.33 6.82 -22.25
CA THR A 145 23.44 7.51 -21.59
C THR A 145 24.67 7.57 -22.48
N ASN A 146 25.18 8.78 -22.72
CA ASN A 146 26.36 8.90 -23.56
C ASN A 146 27.62 9.25 -22.77
N GLN A 147 28.75 9.28 -23.46
CA GLN A 147 30.02 9.56 -22.80
C GLN A 147 30.01 10.88 -22.04
N ARG A 148 29.42 11.91 -22.63
CA ARG A 148 29.36 13.21 -21.98
C ARG A 148 28.58 13.15 -20.68
N GLY A 149 27.49 12.40 -20.70
CA GLY A 149 26.68 12.27 -19.51
C GLY A 149 27.46 11.60 -18.40
N ALA A 150 28.24 10.59 -18.77
CA ALA A 150 29.03 9.87 -17.78
C ALA A 150 30.15 10.76 -17.24
N GLU A 151 30.66 11.64 -18.09
CA GLU A 151 31.73 12.55 -17.69
C GLU A 151 31.20 13.53 -16.65
N ILE A 152 30.01 14.06 -16.90
CA ILE A 152 29.40 15.00 -15.97
C ILE A 152 29.13 14.30 -14.64
N LEU A 153 28.76 13.02 -14.70
CA LEU A 153 28.50 12.29 -13.48
C LEU A 153 29.78 12.23 -12.65
N ALA A 154 30.89 11.92 -13.31
CA ALA A 154 32.18 11.84 -12.63
C ALA A 154 32.54 13.21 -12.06
N ASP A 155 32.24 14.26 -12.81
CA ASP A 155 32.53 15.62 -12.35
C ASP A 155 31.69 16.00 -11.14
N THR A 156 30.53 15.36 -11.01
CA THR A 156 29.64 15.68 -9.90
C THR A 156 30.04 14.98 -8.61
N PHE A 157 30.49 13.74 -8.72
CA PHE A 157 30.88 12.97 -7.55
C PHE A 157 32.38 12.70 -7.62
N LYS A 158 33.16 13.78 -7.47
CA LYS A 158 34.61 13.74 -7.53
C LYS A 158 35.28 12.81 -6.53
N ASP A 159 34.66 12.61 -5.38
CA ASP A 159 35.24 11.75 -4.36
C ASP A 159 35.18 10.28 -4.70
N TYR A 160 34.50 9.94 -5.81
CA TYR A 160 34.37 8.54 -6.21
C TYR A 160 34.88 8.27 -7.62
N ALA A 161 35.42 7.07 -7.80
CA ALA A 161 35.89 6.67 -9.12
C ALA A 161 34.62 6.33 -9.92
N VAL A 162 34.61 6.69 -11.20
CA VAL A 162 33.48 6.40 -12.07
C VAL A 162 34.04 5.73 -13.31
N SER A 163 33.52 4.54 -13.62
CA SER A 163 33.99 3.76 -14.77
C SER A 163 32.79 3.43 -15.65
N THR A 164 32.99 3.46 -16.97
CA THR A 164 31.92 3.16 -17.90
C THR A 164 31.88 1.69 -18.30
N VAL A 165 30.69 1.23 -18.69
CA VAL A 165 30.48 -0.15 -19.13
C VAL A 165 29.49 -0.12 -20.27
N PRO A 166 29.81 -0.78 -21.40
CA PRO A 166 28.82 -0.74 -22.49
C PRO A 166 27.59 -1.58 -22.13
N VAL A 167 26.41 -1.08 -22.50
CA VAL A 167 25.14 -1.76 -22.26
C VAL A 167 24.67 -2.29 -23.61
N VAL A 168 24.54 -3.60 -23.72
CA VAL A 168 24.12 -4.24 -24.96
C VAL A 168 22.88 -5.09 -24.79
N ASP A 169 21.94 -4.97 -25.73
CA ASP A 169 20.71 -5.76 -25.71
C ASP A 169 19.91 -5.62 -24.41
N ALA A 170 19.89 -4.40 -23.88
CA ALA A 170 19.15 -4.13 -22.66
C ALA A 170 19.00 -2.62 -22.60
N LEU A 171 17.97 -2.15 -21.89
CA LEU A 171 17.76 -0.72 -21.78
C LEU A 171 18.85 -0.02 -20.97
N HIS A 172 19.10 -0.51 -19.76
CA HIS A 172 20.06 0.09 -18.84
C HIS A 172 21.03 -0.90 -18.23
N LEU A 173 22.10 -0.36 -17.65
CA LEU A 173 23.07 -1.21 -16.98
C LEU A 173 22.33 -2.02 -15.91
N LYS A 174 21.41 -1.38 -15.19
CA LYS A 174 20.70 -2.09 -14.14
C LYS A 174 19.52 -2.94 -14.62
N SER A 175 19.41 -3.13 -15.94
CA SER A 175 18.40 -4.03 -16.48
C SER A 175 18.91 -5.44 -16.23
N PHE A 176 20.18 -5.57 -15.83
CA PHE A 176 20.74 -6.91 -15.56
C PHE A 176 21.64 -7.00 -14.33
N CYS A 177 21.62 -5.98 -13.48
CA CYS A 177 22.42 -6.00 -12.25
C CYS A 177 21.97 -4.95 -11.27
N SER A 178 22.41 -5.09 -10.01
CA SER A 178 22.11 -4.14 -8.93
C SER A 178 22.87 -4.63 -7.69
N MET A 179 22.92 -3.82 -6.65
CA MET A 179 23.62 -4.22 -5.42
C MET A 179 22.66 -5.04 -4.57
N ALA A 180 23.13 -6.19 -4.08
CA ALA A 180 22.31 -7.03 -3.23
C ALA A 180 22.86 -7.02 -1.81
N GLY A 181 23.97 -6.29 -1.64
CA GLY A 181 24.59 -6.21 -0.33
C GLY A 181 25.80 -5.29 -0.40
N PRO A 182 26.42 -4.99 0.75
CA PRO A 182 27.60 -4.11 0.80
C PRO A 182 28.73 -4.42 -0.17
N ASN A 183 29.00 -5.70 -0.41
CA ASN A 183 30.06 -6.08 -1.34
C ASN A 183 29.50 -7.12 -2.28
N LEU A 184 28.19 -7.03 -2.52
CA LEU A 184 27.53 -8.03 -3.33
C LEU A 184 26.79 -7.47 -4.54
N ILE A 185 27.20 -7.90 -5.73
CA ILE A 185 26.55 -7.44 -6.95
C ILE A 185 25.69 -8.57 -7.51
N ALA A 186 24.39 -8.33 -7.65
CA ALA A 186 23.49 -9.33 -8.24
C ALA A 186 23.73 -9.15 -9.73
N ILE A 187 23.83 -10.25 -10.46
CA ILE A 187 24.12 -10.14 -11.88
C ILE A 187 23.46 -11.27 -12.66
N GLY A 188 23.03 -10.97 -13.88
CA GLY A 188 22.40 -11.97 -14.71
C GLY A 188 23.41 -12.92 -15.35
N SER A 189 22.91 -13.93 -16.07
CA SER A 189 23.77 -14.92 -16.71
C SER A 189 23.88 -14.82 -18.23
N SER A 190 23.18 -13.88 -18.85
CA SER A 190 23.26 -13.76 -20.30
C SER A 190 24.69 -13.47 -20.76
N GLU A 191 24.96 -13.72 -22.04
CA GLU A 191 26.29 -13.47 -22.56
C GLU A 191 26.63 -11.99 -22.35
N SER A 192 25.68 -11.12 -22.65
CA SER A 192 25.91 -9.68 -22.50
C SER A 192 26.10 -9.23 -21.05
N ALA A 193 25.31 -9.79 -20.13
CA ALA A 193 25.42 -9.44 -18.72
C ALA A 193 26.79 -9.85 -18.18
N GLN A 194 27.24 -11.05 -18.56
CA GLN A 194 28.52 -11.53 -18.07
C GLN A 194 29.68 -10.71 -18.67
N LYS A 195 29.55 -10.28 -19.92
CA LYS A 195 30.60 -9.46 -20.53
C LYS A 195 30.73 -8.15 -19.76
N ALA A 196 29.61 -7.54 -19.45
CA ALA A 196 29.59 -6.29 -18.70
C ALA A 196 30.20 -6.49 -17.32
N LEU A 197 29.87 -7.61 -16.68
CA LEU A 197 30.40 -7.91 -15.36
C LEU A 197 31.92 -7.99 -15.40
N LYS A 198 32.46 -8.73 -16.36
CA LYS A 198 33.90 -8.90 -16.48
C LYS A 198 34.58 -7.53 -16.66
N ILE A 199 33.92 -6.64 -17.40
CA ILE A 199 34.48 -5.31 -17.60
C ILE A 199 34.49 -4.53 -16.29
N MET A 200 33.41 -4.58 -15.54
CA MET A 200 33.38 -3.86 -14.28
C MET A 200 34.48 -4.33 -13.33
N GLN A 201 34.68 -5.65 -13.24
CA GLN A 201 35.71 -6.19 -12.37
C GLN A 201 37.11 -5.85 -12.85
N GLN A 202 37.25 -5.69 -14.15
CA GLN A 202 38.52 -5.35 -14.75
C GLN A 202 38.88 -3.89 -14.49
N MET A 203 37.87 -3.01 -14.55
CA MET A 203 38.07 -1.59 -14.33
C MET A 203 38.27 -1.24 -12.86
N SER A 204 37.80 -2.09 -11.97
CA SER A 204 37.92 -1.83 -10.54
C SER A 204 39.00 -2.64 -9.85
N ASP A 205 39.72 -1.99 -8.94
CA ASP A 205 40.77 -2.68 -8.19
C ASP A 205 40.17 -3.40 -6.98
N HIS A 206 38.86 -3.25 -6.79
CA HIS A 206 38.19 -3.90 -5.68
C HIS A 206 37.52 -5.20 -6.10
N ARG A 207 37.56 -6.20 -5.23
CA ARG A 207 36.95 -7.49 -5.54
C ARG A 207 35.55 -7.59 -4.93
N TYR A 208 34.53 -7.64 -5.78
CA TYR A 208 33.16 -7.75 -5.31
C TYR A 208 32.70 -9.20 -5.37
N ASP A 209 31.80 -9.57 -4.47
CA ASP A 209 31.21 -10.91 -4.47
C ASP A 209 30.06 -10.79 -5.45
N LYS A 210 29.59 -11.91 -6.00
CA LYS A 210 28.48 -11.86 -6.94
C LYS A 210 27.37 -12.78 -6.53
N LEU A 211 26.15 -12.37 -6.84
CA LEU A 211 24.97 -13.20 -6.57
C LEU A 211 24.44 -13.38 -7.99
N THR A 212 24.72 -14.54 -8.59
CA THR A 212 24.32 -14.77 -9.97
C THR A 212 22.95 -15.41 -10.13
N VAL A 213 22.09 -14.79 -10.95
CA VAL A 213 20.76 -15.35 -11.19
C VAL A 213 20.59 -15.68 -12.66
N PRO A 214 19.78 -16.70 -12.98
CA PRO A 214 19.56 -17.11 -14.38
C PRO A 214 18.73 -16.19 -15.27
N ASP A 215 17.89 -15.36 -14.65
CA ASP A 215 17.06 -14.41 -15.41
C ASP A 215 17.64 -13.02 -15.23
N ASP A 216 18.18 -12.45 -16.30
CA ASP A 216 18.80 -11.13 -16.25
C ASP A 216 18.03 -10.07 -15.45
N THR A 217 16.75 -9.90 -15.77
CA THR A 217 15.96 -8.88 -15.10
C THR A 217 15.69 -9.16 -13.63
N ALA A 218 15.86 -10.41 -13.21
CA ALA A 218 15.65 -10.74 -11.80
C ALA A 218 16.89 -10.34 -11.01
N ALA A 219 17.93 -9.88 -11.71
CA ALA A 219 19.15 -9.46 -11.04
C ALA A 219 18.98 -8.04 -10.50
N ASN A 220 17.84 -7.43 -10.82
CA ASN A 220 17.55 -6.10 -10.32
C ASN A 220 16.69 -6.25 -9.04
N CYS A 221 17.26 -5.84 -7.92
CA CYS A 221 16.61 -5.94 -6.62
C CYS A 221 16.93 -4.66 -5.86
N ILE A 222 16.29 -4.49 -4.71
CA ILE A 222 16.57 -3.33 -3.89
C ILE A 222 17.17 -3.80 -2.56
N TYR A 223 18.34 -3.27 -2.26
CA TYR A 223 19.03 -3.59 -1.02
C TYR A 223 18.94 -2.39 -0.08
N LEU A 224 18.56 -2.65 1.16
CA LEU A 224 18.47 -1.62 2.18
C LEU A 224 18.95 -2.17 3.53
N ASN A 225 19.58 -1.31 4.32
CA ASN A 225 20.05 -1.65 5.66
C ASN A 225 19.13 -0.81 6.55
N ILE A 226 18.18 -1.47 7.19
CA ILE A 226 17.21 -0.77 8.02
C ILE A 226 17.33 -1.15 9.50
N PRO A 227 17.49 -0.14 10.37
CA PRO A 227 17.60 -0.41 11.81
C PRO A 227 16.38 -1.21 12.28
N SER A 228 16.60 -2.20 13.13
CA SER A 228 15.52 -3.05 13.66
C SER A 228 15.16 -4.19 12.70
N LYS A 229 15.69 -4.15 11.48
CA LYS A 229 15.43 -5.21 10.51
C LYS A 229 16.72 -5.80 9.93
N GLY A 230 17.71 -4.93 9.75
CA GLY A 230 18.98 -5.38 9.22
C GLY A 230 19.06 -5.27 7.71
N HIS A 231 19.79 -6.19 7.10
CA HIS A 231 19.95 -6.20 5.66
C HIS A 231 18.69 -6.72 5.01
N VAL A 232 18.04 -5.86 4.23
CA VAL A 232 16.78 -6.20 3.58
C VAL A 232 16.95 -6.30 2.08
N LEU A 233 16.18 -7.18 1.45
CA LEU A 233 16.27 -7.32 0.01
C LEU A 233 14.91 -7.53 -0.65
N LEU A 234 14.49 -6.57 -1.47
CA LEU A 234 13.24 -6.73 -2.21
C LEU A 234 13.68 -7.41 -3.51
N HIS A 235 13.08 -8.55 -3.84
CA HIS A 235 13.48 -9.28 -5.05
C HIS A 235 12.24 -9.79 -5.76
N ARG A 236 12.40 -10.22 -7.02
CA ARG A 236 11.28 -10.71 -7.80
C ARG A 236 10.78 -12.05 -7.26
N THR A 237 9.50 -12.29 -7.49
CA THR A 237 8.83 -13.47 -6.95
C THR A 237 9.01 -14.80 -7.66
N PRO A 238 8.73 -15.89 -6.94
CA PRO A 238 8.83 -17.26 -7.47
C PRO A 238 7.86 -17.39 -8.65
N GLU A 239 6.74 -16.68 -8.56
CA GLU A 239 5.74 -16.73 -9.62
C GLU A 239 6.25 -16.11 -10.92
N GLU A 240 7.00 -15.00 -10.81
CA GLU A 240 7.54 -14.33 -11.99
C GLU A 240 8.80 -15.03 -12.54
N TYR A 241 9.74 -15.36 -11.65
CA TYR A 241 10.98 -16.02 -12.08
C TYR A 241 11.36 -17.10 -11.06
N PRO A 242 10.74 -18.28 -11.18
CA PRO A 242 11.00 -19.39 -10.25
C PRO A 242 12.47 -19.73 -10.04
N GLU A 243 13.24 -19.80 -11.12
CA GLU A 243 14.65 -20.18 -11.01
C GLU A 243 15.52 -19.13 -10.32
N SER A 244 15.21 -17.86 -10.52
CA SER A 244 15.98 -16.79 -9.87
C SER A 244 15.54 -16.65 -8.41
N ALA A 245 14.25 -16.85 -8.15
CA ALA A 245 13.74 -16.76 -6.80
C ALA A 245 14.46 -17.79 -5.90
N LYS A 246 14.76 -18.97 -6.46
CA LYS A 246 15.44 -20.02 -5.69
C LYS A 246 16.79 -19.55 -5.20
N VAL A 247 17.48 -18.75 -6.02
CA VAL A 247 18.77 -18.20 -5.64
C VAL A 247 18.60 -17.25 -4.45
N TYR A 248 17.65 -16.32 -4.55
CA TYR A 248 17.41 -15.38 -3.46
C TYR A 248 16.94 -16.05 -2.18
N GLU A 249 16.13 -17.08 -2.31
CA GLU A 249 15.57 -17.77 -1.15
C GLU A 249 16.58 -18.46 -0.27
N LYS A 250 17.75 -18.76 -0.82
CA LYS A 250 18.78 -19.43 -0.04
C LYS A 250 19.44 -18.45 0.93
N LEU A 251 19.27 -17.15 0.66
CA LEU A 251 19.90 -16.12 1.48
C LEU A 251 19.34 -15.92 2.88
N LYS A 252 19.97 -16.54 3.87
CA LYS A 252 19.55 -16.42 5.27
C LYS A 252 20.16 -15.18 5.92
N ASP A 253 20.99 -14.46 5.16
CA ASP A 253 21.62 -13.26 5.70
C ASP A 253 20.92 -11.96 5.31
N HIS A 254 19.72 -12.09 4.74
CA HIS A 254 18.93 -10.92 4.36
C HIS A 254 17.48 -11.16 4.74
N MET A 255 16.74 -10.08 5.03
CA MET A 255 15.32 -10.23 5.28
C MET A 255 14.79 -10.15 3.84
N LEU A 256 14.22 -11.24 3.34
CA LEU A 256 13.73 -11.27 1.96
C LEU A 256 12.31 -10.80 1.80
N ILE A 257 12.05 -9.97 0.80
CA ILE A 257 10.72 -9.45 0.56
C ILE A 257 10.39 -9.58 -0.93
N PRO A 258 9.65 -10.63 -1.30
CA PRO A 258 9.30 -10.81 -2.72
C PRO A 258 8.28 -9.77 -3.13
N VAL A 259 8.60 -9.02 -4.19
CA VAL A 259 7.73 -7.97 -4.68
C VAL A 259 7.48 -8.16 -6.18
N SER A 260 6.22 -8.31 -6.57
CA SER A 260 5.85 -8.46 -7.99
C SER A 260 6.11 -7.16 -8.75
N ASN A 261 6.50 -7.28 -10.02
CA ASN A 261 6.74 -6.08 -10.82
C ASN A 261 6.55 -6.42 -12.31
N SER A 262 5.79 -7.49 -12.54
CA SER A 262 5.55 -7.96 -13.91
C SER A 262 4.96 -6.96 -14.87
N GLU A 263 3.97 -6.18 -14.43
CA GLU A 263 3.36 -5.22 -15.34
C GLU A 263 4.34 -4.12 -15.75
N LEU A 264 5.05 -3.54 -14.79
CA LEU A 264 5.99 -2.49 -15.16
C LEU A 264 7.16 -3.05 -15.97
N GLU A 265 7.48 -4.34 -15.79
CA GLU A 265 8.58 -4.88 -16.58
C GLU A 265 8.22 -4.91 -18.05
N LYS A 266 6.94 -4.91 -18.36
CA LYS A 266 6.51 -4.92 -19.76
C LYS A 266 6.98 -3.63 -20.44
N VAL A 267 7.26 -2.61 -19.64
CA VAL A 267 7.76 -1.36 -20.20
C VAL A 267 9.20 -1.13 -19.73
N ASP A 268 9.88 -2.24 -19.46
CA ASP A 268 11.28 -2.24 -19.05
C ASP A 268 11.60 -1.64 -17.69
N GLY A 269 10.56 -1.50 -16.85
CA GLY A 269 10.79 -0.96 -15.52
C GLY A 269 10.99 -2.12 -14.56
N LEU A 270 12.12 -2.13 -13.85
CA LEU A 270 12.41 -3.19 -12.87
C LEU A 270 12.28 -2.61 -11.46
N LEU A 271 12.66 -3.36 -10.43
CA LEU A 271 12.50 -2.87 -9.07
C LEU A 271 13.15 -1.52 -8.71
N THR A 272 14.42 -1.33 -9.01
CA THR A 272 15.07 -0.08 -8.63
C THR A 272 14.53 1.15 -9.34
N CYS A 273 13.96 0.92 -10.52
CA CYS A 273 13.48 2.00 -11.37
C CYS A 273 12.38 2.87 -10.77
N SER A 274 11.55 2.30 -9.90
CA SER A 274 10.44 3.02 -9.31
C SER A 274 10.71 3.83 -8.06
N SER A 275 11.97 4.03 -7.71
CA SER A 275 12.28 4.81 -6.52
C SER A 275 13.66 5.46 -6.54
N VAL A 276 13.80 6.50 -5.72
CA VAL A 276 15.07 7.21 -5.54
C VAL A 276 15.17 7.24 -4.02
N LEU A 277 16.22 6.60 -3.49
CA LEU A 277 16.43 6.49 -2.05
C LEU A 277 17.38 7.57 -1.55
N ILE A 278 17.03 8.15 -0.41
CA ILE A 278 17.82 9.22 0.18
C ILE A 278 18.10 8.92 1.64
N ASN A 279 19.34 9.18 2.08
CA ASN A 279 19.73 8.97 3.47
C ASN A 279 19.97 10.36 4.09
N LYS A 280 19.04 10.84 4.91
CA LYS A 280 19.20 12.15 5.55
C LYS A 280 19.78 12.01 6.96
N THR B 8 -4.89 1.14 25.45
CA THR B 8 -5.52 -0.18 25.45
C THR B 8 -6.34 -0.33 24.18
N PHE B 9 -5.94 -1.27 23.33
CA PHE B 9 -6.65 -1.46 22.07
C PHE B 9 -8.09 -1.92 22.26
N GLY B 10 -9.00 -1.28 21.53
CA GLY B 10 -10.40 -1.69 21.58
C GLY B 10 -11.24 -1.05 22.66
N ARG B 11 -10.63 -0.21 23.49
CA ARG B 11 -11.40 0.45 24.54
C ARG B 11 -12.36 1.45 23.91
N ALA B 12 -13.59 1.48 24.41
CA ALA B 12 -14.61 2.41 23.91
C ALA B 12 -15.51 2.81 25.08
N THR B 13 -16.10 3.99 24.99
CA THR B 13 -16.99 4.45 26.05
C THR B 13 -18.31 4.89 25.45
N HIS B 14 -18.26 5.26 24.16
CA HIS B 14 -19.45 5.73 23.47
C HIS B 14 -19.60 5.06 22.12
N VAL B 15 -20.81 5.06 21.59
CA VAL B 15 -21.02 4.48 20.27
C VAL B 15 -22.13 5.19 19.55
N VAL B 16 -21.93 5.42 18.25
CA VAL B 16 -22.96 6.10 17.45
C VAL B 16 -23.56 5.07 16.51
N VAL B 17 -24.88 5.04 16.43
CA VAL B 17 -25.59 4.12 15.56
C VAL B 17 -26.72 4.94 14.94
N ARG B 18 -27.39 4.38 13.95
CA ARG B 18 -28.47 5.13 13.29
C ARG B 18 -29.59 4.17 12.91
N ALA B 19 -30.83 4.61 13.10
CA ALA B 19 -32.01 3.80 12.80
C ALA B 19 -32.17 3.46 11.33
N LEU B 20 -32.78 2.31 11.07
CA LEU B 20 -33.03 1.88 9.70
C LEU B 20 -34.23 2.61 9.12
N PRO B 21 -34.09 3.11 7.89
CA PRO B 21 -35.20 3.82 7.23
C PRO B 21 -36.01 2.73 6.51
N GLU B 22 -37.32 2.91 6.37
CA GLU B 22 -38.15 1.92 5.68
C GLU B 22 -37.65 1.69 4.25
N SER B 23 -37.08 2.73 3.66
CA SER B 23 -36.57 2.66 2.30
C SER B 23 -35.40 1.69 2.13
N LEU B 24 -34.80 1.25 3.23
CA LEU B 24 -33.66 0.32 3.13
C LEU B 24 -34.02 -0.98 2.43
N ALA B 25 -35.18 -1.53 2.75
CA ALA B 25 -35.61 -2.81 2.18
C ALA B 25 -35.43 -2.90 0.68
N GLN B 26 -35.98 -1.95 -0.05
CA GLN B 26 -35.90 -1.96 -1.50
C GLN B 26 -34.84 -1.08 -2.13
N GLN B 27 -34.45 -0.02 -1.42
CA GLN B 27 -33.53 0.96 -1.99
C GLN B 27 -32.09 1.00 -1.55
N ALA B 28 -31.74 0.30 -0.49
CA ALA B 28 -30.35 0.31 -0.07
C ALA B 28 -29.50 -0.36 -1.16
N LEU B 29 -28.30 0.16 -1.38
CA LEU B 29 -27.38 -0.39 -2.37
C LEU B 29 -26.95 -1.81 -1.98
N ARG B 30 -26.81 -2.70 -2.96
CA ARG B 30 -26.39 -4.05 -2.65
C ARG B 30 -25.77 -4.74 -3.86
N ARG B 31 -24.67 -5.43 -3.63
CA ARG B 31 -23.95 -6.13 -4.70
C ARG B 31 -24.65 -7.41 -5.14
N THR B 32 -25.31 -8.07 -4.21
CA THR B 32 -26.02 -9.31 -4.51
C THR B 32 -27.52 -9.06 -4.52
N LYS B 33 -28.17 -9.43 -5.63
CA LYS B 33 -29.62 -9.23 -5.73
C LYS B 33 -30.30 -10.53 -5.30
N GLY B 34 -30.23 -10.84 -4.00
CA GLY B 34 -30.83 -12.08 -3.54
C GLY B 34 -32.17 -11.97 -2.86
N ASP B 35 -32.38 -12.83 -1.86
CA ASP B 35 -33.63 -12.85 -1.10
C ASP B 35 -33.94 -11.45 -0.63
N GLU B 36 -35.23 -11.09 -0.67
CA GLU B 36 -35.63 -9.76 -0.25
C GLU B 36 -35.41 -9.58 1.25
N VAL B 37 -35.24 -8.33 1.65
CA VAL B 37 -35.05 -7.99 3.04
C VAL B 37 -36.37 -8.09 3.81
N ASP B 38 -36.34 -8.73 4.98
CA ASP B 38 -37.50 -8.82 5.85
C ASP B 38 -37.23 -7.64 6.76
N PHE B 39 -37.86 -6.50 6.47
CA PHE B 39 -37.59 -5.28 7.22
C PHE B 39 -37.85 -5.37 8.72
N ALA B 40 -38.97 -5.97 9.12
CA ALA B 40 -39.24 -6.07 10.54
C ALA B 40 -38.10 -6.83 11.22
N ARG B 41 -37.63 -7.91 10.58
CA ARG B 41 -36.56 -8.72 11.14
C ARG B 41 -35.26 -7.93 11.22
N ALA B 42 -34.97 -7.14 10.19
CA ALA B 42 -33.75 -6.33 10.21
C ALA B 42 -33.80 -5.35 11.39
N GLU B 43 -34.96 -4.74 11.61
CA GLU B 43 -35.11 -3.81 12.71
C GLU B 43 -34.82 -4.50 14.04
N ARG B 44 -35.33 -5.73 14.20
CA ARG B 44 -35.07 -6.47 15.43
C ARG B 44 -33.59 -6.80 15.60
N GLN B 45 -32.93 -7.20 14.51
CA GLN B 45 -31.52 -7.54 14.58
C GLN B 45 -30.72 -6.30 14.97
N HIS B 46 -31.12 -5.15 14.44
CA HIS B 46 -30.44 -3.89 14.75
C HIS B 46 -30.68 -3.53 16.23
N GLN B 47 -31.90 -3.75 16.71
CA GLN B 47 -32.26 -3.47 18.09
C GLN B 47 -31.45 -4.32 19.05
N LEU B 48 -31.25 -5.59 18.70
CA LEU B 48 -30.49 -6.50 19.54
C LEU B 48 -29.03 -6.08 19.58
N TYR B 49 -28.51 -5.68 18.44
CA TYR B 49 -27.14 -5.21 18.28
C TYR B 49 -26.90 -3.99 19.19
N VAL B 50 -27.80 -3.01 19.13
CA VAL B 50 -27.69 -1.83 19.98
C VAL B 50 -27.83 -2.24 21.45
N GLY B 51 -28.70 -3.21 21.72
CA GLY B 51 -28.89 -3.66 23.09
C GLY B 51 -27.59 -4.22 23.66
N VAL B 52 -26.88 -5.00 22.87
CA VAL B 52 -25.61 -5.57 23.32
C VAL B 52 -24.62 -4.46 23.66
N LEU B 53 -24.47 -3.51 22.73
CA LEU B 53 -23.51 -2.42 22.93
C LEU B 53 -23.83 -1.50 24.11
N GLY B 54 -25.11 -1.13 24.25
CA GLY B 54 -25.49 -0.22 25.31
C GLY B 54 -25.83 -0.87 26.65
N SER B 55 -26.82 -1.74 26.64
CA SER B 55 -27.26 -2.39 27.88
C SER B 55 -26.30 -3.42 28.44
N LYS B 56 -25.93 -4.39 27.61
CA LYS B 56 -25.05 -5.43 28.07
C LYS B 56 -23.63 -4.96 28.33
N LEU B 57 -23.07 -4.16 27.42
CA LEU B 57 -21.69 -3.73 27.59
C LEU B 57 -21.50 -2.34 28.23
N GLY B 58 -22.60 -1.63 28.44
CA GLY B 58 -22.52 -0.33 29.10
C GLY B 58 -22.01 0.87 28.33
N LEU B 59 -21.91 0.79 27.01
CA LEU B 59 -21.45 1.96 26.27
C LEU B 59 -22.58 2.99 26.23
N GLN B 60 -22.24 4.27 26.12
CA GLN B 60 -23.25 5.31 26.02
C GLN B 60 -23.59 5.32 24.54
N VAL B 61 -24.86 5.11 24.22
CA VAL B 61 -25.30 5.03 22.83
C VAL B 61 -25.93 6.30 22.31
N VAL B 62 -25.47 6.77 21.16
CA VAL B 62 -26.03 7.94 20.53
C VAL B 62 -26.81 7.36 19.36
N GLN B 63 -28.14 7.39 19.44
CA GLN B 63 -28.97 6.84 18.36
C GLN B 63 -29.50 7.93 17.44
N LEU B 64 -28.94 7.98 16.22
CA LEU B 64 -29.36 8.97 15.23
C LEU B 64 -30.66 8.51 14.57
N PRO B 65 -31.55 9.45 14.25
CA PRO B 65 -32.82 9.08 13.61
C PRO B 65 -32.65 8.71 12.14
N ALA B 66 -33.54 7.87 11.65
CA ALA B 66 -33.50 7.46 10.24
C ALA B 66 -33.93 8.62 9.33
N ASP B 67 -33.41 8.61 8.10
CA ASP B 67 -33.75 9.62 7.09
C ASP B 67 -34.18 8.81 5.89
N GLU B 68 -35.48 8.79 5.58
CA GLU B 68 -35.97 7.99 4.46
C GLU B 68 -35.29 8.24 3.12
N SER B 69 -34.72 9.43 2.96
CA SER B 69 -34.05 9.79 1.71
C SER B 69 -32.64 9.21 1.61
N LEU B 70 -32.19 8.58 2.70
CA LEU B 70 -30.85 7.95 2.77
C LEU B 70 -31.06 6.48 3.19
N PRO B 71 -31.44 5.61 2.23
CA PRO B 71 -31.69 4.18 2.46
C PRO B 71 -30.59 3.39 3.14
N ASP B 72 -29.36 3.90 3.07
CA ASP B 72 -28.24 3.21 3.71
C ASP B 72 -27.73 3.90 4.96
N CYS B 73 -28.50 4.84 5.52
CA CYS B 73 -28.07 5.60 6.69
C CYS B 73 -27.73 4.79 7.92
N VAL B 74 -28.23 3.56 8.01
CA VAL B 74 -27.91 2.73 9.18
C VAL B 74 -26.41 2.40 9.27
N PHE B 75 -25.73 2.38 8.12
CA PHE B 75 -24.31 2.00 8.09
C PHE B 75 -23.34 3.15 8.35
N VAL B 76 -23.40 3.65 9.57
CA VAL B 76 -22.61 4.78 10.02
C VAL B 76 -21.10 4.62 9.91
N GLU B 77 -20.63 3.39 9.95
CA GLU B 77 -19.20 3.16 9.85
C GLU B 77 -18.59 3.80 8.60
N ASP B 78 -19.32 3.79 7.50
CA ASP B 78 -18.75 4.34 6.28
C ASP B 78 -18.58 5.85 6.22
N VAL B 79 -19.27 6.56 7.12
CA VAL B 79 -19.20 8.01 7.09
C VAL B 79 -18.18 8.66 8.02
N ALA B 80 -17.53 7.86 8.85
CA ALA B 80 -16.55 8.45 9.75
C ALA B 80 -15.55 7.44 10.28
N VAL B 81 -14.30 7.88 10.40
CA VAL B 81 -13.24 7.04 10.94
C VAL B 81 -12.72 7.80 12.16
N VAL B 82 -12.81 7.14 13.31
CA VAL B 82 -12.37 7.73 14.56
C VAL B 82 -11.10 7.07 15.09
N CYS B 83 -10.11 7.90 15.44
CA CYS B 83 -8.85 7.40 15.99
C CYS B 83 -8.50 8.33 17.14
N GLU B 84 -8.51 7.80 18.35
CA GLU B 84 -8.22 8.59 19.55
C GLU B 84 -9.24 9.72 19.68
N GLU B 85 -8.76 10.96 19.64
CA GLU B 85 -9.64 12.12 19.79
C GLU B 85 -9.99 12.81 18.47
N THR B 86 -9.61 12.20 17.35
CA THR B 86 -9.89 12.79 16.05
C THR B 86 -10.84 11.97 15.19
N ALA B 87 -11.77 12.66 14.54
CA ALA B 87 -12.72 11.98 13.67
C ALA B 87 -12.65 12.54 12.26
N LEU B 88 -12.47 11.65 11.30
CA LEU B 88 -12.44 12.03 9.89
C LEU B 88 -13.84 11.78 9.34
N ILE B 89 -14.51 12.84 8.91
CA ILE B 89 -15.83 12.68 8.31
C ILE B 89 -15.47 12.39 6.86
N THR B 90 -15.90 11.25 6.37
CA THR B 90 -15.55 10.85 5.00
C THR B 90 -16.46 11.42 3.93
N ARG B 91 -16.07 11.16 2.69
CA ARG B 91 -16.83 11.55 1.51
C ARG B 91 -17.07 10.18 0.89
N PRO B 92 -18.21 9.55 1.22
CA PRO B 92 -18.56 8.23 0.71
C PRO B 92 -18.45 8.07 -0.80
N GLY B 93 -17.99 6.89 -1.22
CA GLY B 93 -17.86 6.62 -2.63
C GLY B 93 -19.20 6.69 -3.35
N ALA B 94 -20.25 6.20 -2.73
CA ALA B 94 -21.58 6.22 -3.36
C ALA B 94 -22.25 7.58 -3.19
N PRO B 95 -22.62 8.22 -4.30
CA PRO B 95 -23.28 9.53 -4.20
C PRO B 95 -24.54 9.56 -3.34
N SER B 96 -25.34 8.50 -3.39
CA SER B 96 -26.57 8.45 -2.61
C SER B 96 -26.31 8.44 -1.11
N ARG B 97 -25.06 8.27 -0.70
CA ARG B 97 -24.77 8.24 0.72
C ARG B 97 -24.03 9.48 1.24
N ARG B 98 -23.65 10.39 0.35
CA ARG B 98 -22.93 11.60 0.75
C ARG B 98 -23.59 12.41 1.88
N LYS B 99 -24.91 12.64 1.80
CA LYS B 99 -25.59 13.41 2.82
C LYS B 99 -25.63 12.76 4.20
N GLU B 100 -25.23 11.50 4.30
CA GLU B 100 -25.23 10.85 5.61
C GLU B 100 -24.17 11.50 6.49
N ALA B 101 -23.21 12.17 5.86
CA ALA B 101 -22.15 12.84 6.62
C ALA B 101 -22.67 13.97 7.51
N ASP B 102 -23.71 14.65 7.06
CA ASP B 102 -24.26 15.78 7.81
C ASP B 102 -24.57 15.47 9.27
N MET B 103 -25.43 14.50 9.50
CA MET B 103 -25.81 14.16 10.86
C MET B 103 -24.68 13.53 11.65
N MET B 104 -23.80 12.77 10.98
CA MET B 104 -22.69 12.15 11.69
C MET B 104 -21.71 13.22 12.16
N LYS B 105 -21.45 14.21 11.34
CA LYS B 105 -20.54 15.28 11.75
C LYS B 105 -21.08 15.98 12.99
N GLU B 106 -22.39 16.26 12.98
CA GLU B 106 -23.03 16.92 14.10
C GLU B 106 -22.90 16.06 15.36
N ALA B 107 -23.15 14.76 15.22
CA ALA B 107 -23.05 13.85 16.35
C ALA B 107 -21.65 13.79 16.96
N LEU B 108 -20.63 13.72 16.10
CA LEU B 108 -19.27 13.64 16.62
C LEU B 108 -18.82 14.99 17.17
N GLU B 109 -19.34 16.09 16.62
CA GLU B 109 -18.99 17.40 17.16
C GLU B 109 -19.49 17.44 18.61
N LYS B 110 -20.70 16.92 18.83
CA LYS B 110 -21.29 16.91 20.16
C LYS B 110 -20.55 16.00 21.12
N LEU B 111 -19.84 15.00 20.58
CA LEU B 111 -19.08 14.10 21.42
C LEU B 111 -17.72 14.73 21.71
N GLN B 112 -17.54 15.97 21.25
CA GLN B 112 -16.31 16.74 21.47
C GLN B 112 -15.04 16.22 20.81
N LEU B 113 -15.19 15.58 19.66
CA LEU B 113 -14.04 15.08 18.93
C LEU B 113 -13.50 16.18 18.02
N ASN B 114 -12.22 16.11 17.68
CA ASN B 114 -11.62 17.06 16.75
C ASN B 114 -12.07 16.56 15.39
N ILE B 115 -12.69 17.43 14.61
CA ILE B 115 -13.23 17.05 13.31
C ILE B 115 -12.41 17.47 12.10
N VAL B 116 -12.26 16.54 11.17
CA VAL B 116 -11.58 16.78 9.91
C VAL B 116 -12.54 16.27 8.85
N GLU B 117 -12.86 17.14 7.89
CA GLU B 117 -13.79 16.78 6.81
C GLU B 117 -13.08 16.51 5.49
N MET B 118 -13.52 15.46 4.80
CA MET B 118 -12.96 15.12 3.50
C MET B 118 -13.80 15.88 2.47
N LYS B 119 -13.32 17.04 2.03
CA LYS B 119 -14.08 17.86 1.09
C LYS B 119 -13.62 17.74 -0.36
N ASP B 120 -12.39 17.31 -0.57
CA ASP B 120 -11.84 17.18 -1.92
C ASP B 120 -12.84 16.46 -2.85
N GLU B 121 -13.27 17.17 -3.89
CA GLU B 121 -14.22 16.61 -4.86
C GLU B 121 -13.66 15.42 -5.64
N ASN B 122 -12.36 15.19 -5.56
CA ASN B 122 -11.76 14.08 -6.28
C ASN B 122 -11.43 12.94 -5.33
N ALA B 123 -11.84 13.06 -4.08
CA ALA B 123 -11.55 12.03 -3.11
C ALA B 123 -12.81 11.33 -2.60
N THR B 124 -12.69 10.03 -2.38
CA THR B 124 -13.79 9.26 -1.84
C THR B 124 -13.18 8.23 -0.92
N LEU B 125 -13.91 7.90 0.14
CA LEU B 125 -13.46 6.91 1.10
C LEU B 125 -14.64 6.45 1.91
N ASP B 126 -14.78 5.14 2.05
CA ASP B 126 -15.84 4.55 2.86
C ASP B 126 -15.10 4.07 4.11
N GLY B 127 -15.63 4.40 5.28
CA GLY B 127 -14.99 3.97 6.51
C GLY B 127 -14.85 2.45 6.57
N GLY B 128 -15.72 1.75 5.85
CA GLY B 128 -15.67 0.30 5.82
C GLY B 128 -14.41 -0.25 5.15
N ASP B 129 -13.72 0.59 4.39
CA ASP B 129 -12.48 0.17 3.74
C ASP B 129 -11.28 0.44 4.63
N VAL B 130 -11.52 0.93 5.84
CA VAL B 130 -10.41 1.23 6.72
C VAL B 130 -10.27 0.26 7.87
N LEU B 131 -9.11 -0.39 7.96
CA LEU B 131 -8.86 -1.32 9.05
C LEU B 131 -7.76 -0.72 9.93
N PHE B 132 -8.15 -0.24 11.09
CA PHE B 132 -7.19 0.33 12.05
C PHE B 132 -6.85 -0.82 12.99
N THR B 133 -5.59 -1.23 13.00
CA THR B 133 -5.18 -2.37 13.81
C THR B 133 -4.73 -2.04 15.21
N GLY B 134 -4.67 -0.75 15.54
CA GLY B 134 -4.19 -0.37 16.85
C GLY B 134 -2.76 0.14 16.66
N ARG B 135 -2.05 -0.33 15.63
CA ARG B 135 -0.70 0.15 15.39
C ARG B 135 -0.47 0.75 14.01
N GLU B 136 -1.43 0.60 13.10
CA GLU B 136 -1.32 1.17 11.77
C GLU B 136 -2.66 1.09 11.08
N PHE B 137 -2.75 1.71 9.90
CA PHE B 137 -3.98 1.67 9.13
C PHE B 137 -3.73 0.97 7.81
N PHE B 138 -4.73 0.20 7.38
CA PHE B 138 -4.71 -0.46 6.08
C PHE B 138 -5.97 0.13 5.44
N VAL B 139 -5.85 0.65 4.23
CA VAL B 139 -7.00 1.25 3.57
C VAL B 139 -7.26 0.55 2.25
N GLY B 140 -8.43 -0.05 2.12
CA GLY B 140 -8.77 -0.74 0.90
C GLY B 140 -9.04 0.22 -0.25
N LEU B 141 -8.47 -0.07 -1.40
CA LEU B 141 -8.70 0.73 -2.60
C LEU B 141 -9.74 -0.11 -3.31
N SER B 142 -10.96 0.42 -3.38
CA SER B 142 -12.09 -0.30 -3.94
C SER B 142 -12.89 0.57 -4.87
N LYS B 143 -14.13 0.16 -5.16
CA LYS B 143 -14.98 0.99 -6.01
C LYS B 143 -15.47 2.17 -5.20
N ARG B 144 -15.32 2.11 -3.88
CA ARG B 144 -15.78 3.18 -3.00
C ARG B 144 -14.69 4.10 -2.52
N THR B 145 -13.48 3.57 -2.37
CA THR B 145 -12.36 4.33 -1.85
C THR B 145 -11.21 4.46 -2.85
N ASN B 146 -10.77 5.69 -3.11
CA ASN B 146 -9.67 5.88 -4.04
C ASN B 146 -8.37 6.34 -3.38
N GLN B 147 -7.31 6.44 -4.16
CA GLN B 147 -6.02 6.83 -3.65
C GLN B 147 -6.04 8.19 -2.95
N ARG B 148 -6.77 9.15 -3.51
CA ARG B 148 -6.82 10.47 -2.89
C ARG B 148 -7.47 10.38 -1.51
N GLY B 149 -8.47 9.51 -1.38
CA GLY B 149 -9.12 9.37 -0.10
C GLY B 149 -8.17 8.78 0.92
N ALA B 150 -7.39 7.78 0.51
CA ALA B 150 -6.45 7.18 1.43
C ALA B 150 -5.38 8.18 1.86
N GLU B 151 -4.95 9.03 0.93
CA GLU B 151 -3.93 10.03 1.25
C GLU B 151 -4.44 11.04 2.26
N ILE B 152 -5.69 11.45 2.14
CA ILE B 152 -6.27 12.38 3.09
C ILE B 152 -6.34 11.70 4.46
N LEU B 153 -6.68 10.42 4.48
CA LEU B 153 -6.74 9.72 5.76
C LEU B 153 -5.35 9.72 6.41
N ALA B 154 -4.32 9.46 5.60
CA ALA B 154 -2.94 9.43 6.10
C ALA B 154 -2.51 10.79 6.65
N ASP B 155 -2.95 11.87 5.98
CA ASP B 155 -2.62 13.23 6.38
C ASP B 155 -3.36 13.60 7.68
N THR B 156 -4.48 12.94 7.91
CA THR B 156 -5.28 13.19 9.10
C THR B 156 -4.75 12.48 10.34
N PHE B 157 -4.29 11.25 10.17
CA PHE B 157 -3.77 10.48 11.29
C PHE B 157 -2.27 10.30 11.05
N LYS B 158 -1.58 11.42 11.11
CA LYS B 158 -0.14 11.52 10.87
C LYS B 158 0.78 10.69 11.77
N ASP B 159 0.26 10.24 12.91
CA ASP B 159 1.07 9.46 13.83
C ASP B 159 1.19 7.98 13.48
N TYR B 160 0.35 7.52 12.56
CA TYR B 160 0.36 6.10 12.19
C TYR B 160 0.73 5.84 10.74
N ALA B 161 1.32 4.67 10.50
CA ALA B 161 1.67 4.25 9.15
C ALA B 161 0.37 3.92 8.44
N VAL B 162 0.26 4.28 7.17
CA VAL B 162 -0.93 3.99 6.38
C VAL B 162 -0.52 3.37 5.05
N SER B 163 -1.07 2.21 4.72
CA SER B 163 -0.77 1.59 3.44
C SER B 163 -2.08 1.11 2.83
N THR B 164 -2.09 0.86 1.53
CA THR B 164 -3.32 0.45 0.87
C THR B 164 -3.37 -1.02 0.50
N VAL B 165 -4.59 -1.52 0.31
CA VAL B 165 -4.83 -2.92 0.00
C VAL B 165 -5.88 -3.00 -1.09
N PRO B 166 -5.57 -3.70 -2.19
CA PRO B 166 -6.60 -3.78 -3.24
C PRO B 166 -7.83 -4.59 -2.77
N VAL B 167 -9.01 -4.05 -3.03
CA VAL B 167 -10.28 -4.71 -2.70
C VAL B 167 -10.83 -4.99 -4.09
N VAL B 168 -10.73 -6.23 -4.53
CA VAL B 168 -11.14 -6.58 -5.89
C VAL B 168 -12.47 -7.30 -6.15
N ASP B 169 -12.94 -8.11 -5.20
CA ASP B 169 -14.19 -8.85 -5.37
C ASP B 169 -15.11 -8.76 -4.14
N ALA B 170 -15.06 -7.64 -3.45
CA ALA B 170 -15.91 -7.45 -2.28
C ALA B 170 -16.26 -5.97 -2.26
N LEU B 171 -17.20 -5.57 -1.38
CA LEU B 171 -17.55 -4.17 -1.32
C LEU B 171 -16.46 -3.37 -0.62
N HIS B 172 -16.04 -3.84 0.55
CA HIS B 172 -15.03 -3.13 1.36
C HIS B 172 -13.92 -4.06 1.84
N LEU B 173 -12.83 -3.48 2.31
CA LEU B 173 -11.75 -4.28 2.86
C LEU B 173 -12.32 -5.09 4.03
N LYS B 174 -13.13 -4.46 4.88
CA LYS B 174 -13.69 -5.19 6.01
C LYS B 174 -14.87 -6.09 5.68
N SER B 175 -15.10 -6.33 4.38
CA SER B 175 -16.15 -7.26 3.98
C SER B 175 -15.61 -8.67 4.22
N PHE B 176 -14.29 -8.77 4.47
CA PHE B 176 -13.67 -10.07 4.70
C PHE B 176 -12.62 -10.08 5.79
N CYS B 177 -12.61 -9.06 6.64
CA CYS B 177 -11.65 -9.01 7.74
C CYS B 177 -12.01 -7.93 8.75
N SER B 178 -11.39 -8.01 9.93
CA SER B 178 -11.59 -7.05 11.01
C SER B 178 -10.69 -7.46 12.16
N MET B 179 -10.53 -6.59 13.16
CA MET B 179 -9.70 -6.96 14.30
C MET B 179 -10.50 -7.80 15.29
N ALA B 180 -9.94 -8.92 15.73
CA ALA B 180 -10.62 -9.78 16.70
C ALA B 180 -9.92 -9.67 18.06
N GLY B 181 -8.88 -8.85 18.12
CA GLY B 181 -8.16 -8.65 19.36
C GLY B 181 -6.87 -7.92 19.13
N PRO B 182 -6.12 -7.59 20.19
CA PRO B 182 -4.84 -6.89 20.01
C PRO B 182 -3.97 -7.77 19.10
N ASN B 183 -3.44 -7.21 18.04
CA ASN B 183 -2.60 -7.97 17.12
C ASN B 183 -3.23 -9.26 16.55
N LEU B 184 -4.57 -9.30 16.44
CA LEU B 184 -5.24 -10.48 15.90
C LEU B 184 -6.24 -10.05 14.82
N ILE B 185 -5.96 -10.42 13.58
CA ILE B 185 -6.84 -10.07 12.46
C ILE B 185 -7.71 -11.27 12.09
N ALA B 186 -9.03 -11.07 12.08
CA ALA B 186 -9.96 -12.13 11.68
C ALA B 186 -9.92 -12.01 10.15
N ILE B 187 -9.89 -13.15 9.46
CA ILE B 187 -9.76 -13.11 8.01
C ILE B 187 -10.51 -14.26 7.35
N GLY B 188 -11.06 -14.01 6.17
CA GLY B 188 -11.79 -15.05 5.45
C GLY B 188 -10.84 -15.99 4.76
N SER B 189 -11.37 -17.05 4.16
CA SER B 189 -10.54 -18.04 3.49
C SER B 189 -10.55 -17.97 1.96
N SER B 190 -11.33 -17.04 1.39
CA SER B 190 -11.38 -16.97 -0.07
C SER B 190 -10.03 -16.60 -0.66
N GLU B 191 -9.86 -16.88 -1.95
CA GLU B 191 -8.62 -16.54 -2.63
C GLU B 191 -8.34 -15.04 -2.45
N SER B 192 -9.37 -14.21 -2.64
CA SER B 192 -9.23 -12.76 -2.51
C SER B 192 -8.88 -12.34 -1.09
N ALA B 193 -9.54 -12.94 -0.11
CA ALA B 193 -9.29 -12.58 1.29
C ALA B 193 -7.88 -12.93 1.69
N GLN B 194 -7.42 -14.12 1.30
CA GLN B 194 -6.08 -14.53 1.65
C GLN B 194 -5.01 -13.70 0.96
N LYS B 195 -5.28 -13.27 -0.27
CA LYS B 195 -4.30 -12.46 -0.97
C LYS B 195 -4.16 -11.10 -0.31
N ALA B 196 -5.27 -10.55 0.16
CA ALA B 196 -5.28 -9.26 0.84
C ALA B 196 -4.50 -9.39 2.14
N LEU B 197 -4.69 -10.51 2.83
CA LEU B 197 -3.97 -10.73 4.08
C LEU B 197 -2.46 -10.79 3.84
N LYS B 198 -2.04 -11.52 2.81
CA LYS B 198 -0.62 -11.65 2.50
C LYS B 198 -0.01 -10.27 2.26
N ILE B 199 -0.77 -9.43 1.58
CA ILE B 199 -0.35 -8.07 1.27
C ILE B 199 -0.21 -7.25 2.55
N MET B 200 -1.20 -7.34 3.44
CA MET B 200 -1.12 -6.59 4.68
C MET B 200 0.08 -7.05 5.51
N GLN B 201 0.28 -8.35 5.60
CA GLN B 201 1.41 -8.90 6.37
C GLN B 201 2.74 -8.47 5.75
N GLN B 202 2.81 -8.41 4.43
CA GLN B 202 4.05 -8.01 3.77
C GLN B 202 4.39 -6.56 4.03
N MET B 203 3.38 -5.71 4.10
CA MET B 203 3.62 -4.29 4.32
C MET B 203 3.77 -3.85 5.76
N SER B 204 3.39 -4.71 6.71
CA SER B 204 3.47 -4.33 8.12
C SER B 204 4.83 -4.44 8.78
N ASP B 205 5.11 -3.53 9.70
CA ASP B 205 6.36 -3.52 10.45
C ASP B 205 6.63 -4.91 11.01
N HIS B 206 5.58 -5.59 11.47
CA HIS B 206 5.75 -6.95 11.95
C HIS B 206 4.44 -7.72 11.84
N ARG B 207 4.55 -9.04 11.83
CA ARG B 207 3.39 -9.91 11.66
C ARG B 207 2.27 -9.85 12.70
N TYR B 208 1.05 -9.98 12.21
CA TYR B 208 -0.14 -10.01 13.06
C TYR B 208 -0.51 -11.49 13.20
N ASP B 209 -1.17 -11.84 14.29
CA ASP B 209 -1.63 -13.21 14.45
C ASP B 209 -2.94 -13.18 13.67
N LYS B 210 -3.47 -14.33 13.28
CA LYS B 210 -4.71 -14.30 12.54
C LYS B 210 -5.72 -15.32 13.03
N LEU B 211 -6.99 -15.03 12.77
CA LEU B 211 -8.10 -15.91 13.12
C LEU B 211 -8.78 -16.16 11.79
N THR B 212 -8.57 -17.36 11.24
CA THR B 212 -9.12 -17.68 9.94
C THR B 212 -10.48 -18.36 10.01
N VAL B 213 -11.46 -17.81 9.31
CA VAL B 213 -12.80 -18.39 9.28
C VAL B 213 -13.13 -18.76 7.84
N PRO B 214 -13.91 -19.83 7.65
CA PRO B 214 -14.30 -20.32 6.32
C PRO B 214 -15.26 -19.43 5.52
N ASP B 215 -16.04 -18.63 6.22
CA ASP B 215 -16.99 -17.72 5.57
C ASP B 215 -16.46 -16.30 5.64
N ASP B 216 -16.09 -15.75 4.49
CA ASP B 216 -15.53 -14.40 4.42
C ASP B 216 -16.25 -13.32 5.25
N THR B 217 -17.55 -13.19 5.07
CA THR B 217 -18.31 -12.17 5.78
C THR B 217 -18.39 -12.41 7.28
N ALA B 218 -18.10 -13.63 7.70
CA ALA B 218 -18.13 -13.93 9.14
C ALA B 218 -16.82 -13.47 9.77
N ALA B 219 -15.86 -13.05 8.93
CA ALA B 219 -14.59 -12.56 9.43
C ALA B 219 -14.76 -11.12 9.91
N ASN B 220 -15.96 -10.56 9.74
CA ASN B 220 -16.22 -9.21 10.22
C ASN B 220 -16.84 -9.35 11.60
N CYS B 221 -16.10 -8.93 12.62
CA CYS B 221 -16.57 -9.03 14.00
C CYS B 221 -16.26 -7.73 14.71
N ILE B 222 -16.77 -7.57 15.93
CA ILE B 222 -16.50 -6.37 16.71
C ILE B 222 -15.75 -6.77 17.96
N TYR B 223 -14.58 -6.18 18.14
CA TYR B 223 -13.76 -6.47 19.31
C TYR B 223 -13.81 -5.26 20.22
N LEU B 224 -14.00 -5.49 21.51
CA LEU B 224 -14.06 -4.40 22.47
C LEU B 224 -13.34 -4.78 23.74
N ASN B 225 -12.73 -3.80 24.39
CA ASN B 225 -12.08 -4.01 25.68
C ASN B 225 -12.94 -3.17 26.62
N ILE B 226 -13.72 -3.84 27.46
CA ILE B 226 -14.63 -3.17 28.38
C ILE B 226 -14.31 -3.45 29.84
N PRO B 227 -14.14 -2.39 30.66
CA PRO B 227 -13.83 -2.62 32.07
C PRO B 227 -14.94 -3.48 32.68
N SER B 228 -14.57 -4.42 33.54
CA SER B 228 -15.55 -5.30 34.18
C SER B 228 -15.97 -6.47 33.30
N LYS B 229 -15.82 -6.31 31.98
CA LYS B 229 -16.18 -7.40 31.08
C LYS B 229 -14.93 -8.02 30.46
N GLY B 230 -13.93 -7.19 30.19
CA GLY B 230 -12.69 -7.69 29.62
C GLY B 230 -12.66 -7.62 28.09
N HIS B 231 -12.03 -8.62 27.49
CA HIS B 231 -11.91 -8.71 26.03
C HIS B 231 -13.21 -9.34 25.50
N VAL B 232 -13.98 -8.55 24.74
CA VAL B 232 -15.26 -8.98 24.23
C VAL B 232 -15.28 -9.09 22.71
N LEU B 233 -15.98 -10.09 22.19
CA LEU B 233 -16.05 -10.25 20.76
C LEU B 233 -17.46 -10.55 20.30
N LEU B 234 -18.03 -9.65 19.49
CA LEU B 234 -19.37 -9.87 18.93
C LEU B 234 -19.09 -10.56 17.61
N HIS B 235 -19.72 -11.72 17.37
CA HIS B 235 -19.46 -12.48 16.15
C HIS B 235 -20.74 -13.08 15.58
N ARG B 236 -20.71 -13.47 14.31
CA ARG B 236 -21.91 -14.02 13.69
C ARG B 236 -22.34 -15.34 14.34
N THR B 237 -23.64 -15.62 14.30
CA THR B 237 -24.20 -16.79 14.95
C THR B 237 -24.03 -18.15 14.28
N PRO B 238 -24.12 -19.22 15.09
CA PRO B 238 -24.00 -20.58 14.56
C PRO B 238 -25.12 -20.84 13.54
N GLU B 239 -26.26 -20.20 13.75
CA GLU B 239 -27.36 -20.37 12.82
C GLU B 239 -27.07 -19.74 11.46
N GLU B 240 -26.37 -18.60 11.44
CA GLU B 240 -26.07 -17.94 10.17
C GLU B 240 -24.83 -18.51 9.49
N TYR B 241 -23.79 -18.81 10.27
CA TYR B 241 -22.56 -19.37 9.73
C TYR B 241 -22.01 -20.37 10.72
N PRO B 242 -22.56 -21.60 10.70
CA PRO B 242 -22.10 -22.63 11.63
C PRO B 242 -20.62 -22.97 11.66
N GLU B 243 -20.00 -23.05 10.49
CA GLU B 243 -18.58 -23.39 10.42
C GLU B 243 -17.67 -22.29 10.94
N SER B 244 -18.08 -21.03 10.77
CA SER B 244 -17.28 -19.91 11.28
C SER B 244 -17.51 -19.74 12.79
N ALA B 245 -18.73 -20.00 13.23
CA ALA B 245 -19.03 -19.87 14.66
C ALA B 245 -18.16 -20.85 15.45
N LYS B 246 -17.88 -22.02 14.89
CA LYS B 246 -17.05 -23.03 15.55
C LYS B 246 -15.66 -22.49 15.82
N VAL B 247 -15.16 -21.67 14.89
CA VAL B 247 -13.85 -21.08 15.03
C VAL B 247 -13.88 -20.07 16.17
N TYR B 248 -14.92 -19.23 16.20
CA TYR B 248 -15.06 -18.23 17.24
C TYR B 248 -15.22 -18.86 18.61
N GLU B 249 -15.99 -19.95 18.67
CA GLU B 249 -16.25 -20.62 19.92
C GLU B 249 -15.02 -21.18 20.60
N LYS B 250 -13.93 -21.32 19.86
CA LYS B 250 -12.70 -21.83 20.49
C LYS B 250 -12.00 -20.71 21.25
N LEU B 251 -12.44 -19.47 21.05
CA LEU B 251 -11.80 -18.34 21.72
C LEU B 251 -12.29 -18.15 23.16
N LYS B 252 -11.87 -19.06 24.04
CA LYS B 252 -12.26 -18.99 25.44
C LYS B 252 -11.58 -17.81 26.12
N ASP B 253 -10.66 -17.15 25.40
CA ASP B 253 -9.95 -16.00 25.95
C ASP B 253 -10.73 -14.70 25.75
N HIS B 254 -11.92 -14.81 25.15
CA HIS B 254 -12.78 -13.64 24.93
C HIS B 254 -14.16 -13.95 25.53
N MET B 255 -14.91 -12.88 25.85
CA MET B 255 -16.29 -13.06 26.27
C MET B 255 -16.97 -13.04 24.88
N LEU B 256 -17.55 -14.16 24.46
CA LEU B 256 -18.16 -14.23 23.13
C LEU B 256 -19.63 -13.88 23.10
N ILE B 257 -20.02 -13.03 22.15
CA ILE B 257 -21.42 -12.62 22.04
C ILE B 257 -21.92 -12.81 20.60
N PRO B 258 -22.73 -13.87 20.36
CA PRO B 258 -23.29 -14.16 19.03
C PRO B 258 -24.31 -13.07 18.71
N VAL B 259 -24.20 -12.45 17.54
CA VAL B 259 -25.13 -11.39 17.14
C VAL B 259 -25.68 -11.66 15.75
N SER B 260 -27.00 -11.68 15.62
CA SER B 260 -27.64 -11.94 14.33
C SER B 260 -27.51 -10.70 13.44
N ASN B 261 -27.29 -10.93 12.14
CA ASN B 261 -27.14 -9.80 11.23
C ASN B 261 -27.51 -10.18 9.80
N SER B 262 -28.25 -11.27 9.67
CA SER B 262 -28.62 -11.80 8.36
C SER B 262 -29.31 -10.82 7.42
N GLU B 263 -30.28 -10.05 7.92
CA GLU B 263 -30.99 -9.13 7.03
C GLU B 263 -30.11 -7.99 6.54
N LEU B 264 -29.27 -7.45 7.42
CA LEU B 264 -28.40 -6.36 6.97
C LEU B 264 -27.34 -6.86 6.00
N GLU B 265 -26.93 -8.12 6.14
CA GLU B 265 -25.92 -8.64 5.22
C GLU B 265 -26.48 -8.70 3.81
N LYS B 266 -27.80 -8.76 3.69
CA LYS B 266 -28.41 -8.78 2.35
C LYS B 266 -28.08 -7.50 1.60
N VAL B 267 -27.79 -6.43 2.35
CA VAL B 267 -27.41 -5.17 1.71
C VAL B 267 -25.95 -4.86 2.04
N ASP B 268 -25.17 -5.93 2.18
CA ASP B 268 -23.73 -5.85 2.43
C ASP B 268 -23.30 -5.21 3.73
N GLY B 269 -24.23 -5.12 4.68
CA GLY B 269 -23.90 -4.53 5.97
C GLY B 269 -23.51 -5.64 6.91
N LEU B 270 -22.26 -5.60 7.39
CA LEU B 270 -21.77 -6.60 8.33
C LEU B 270 -21.74 -6.00 9.75
N LEU B 271 -21.14 -6.68 10.71
CA LEU B 271 -21.17 -6.19 12.08
C LEU B 271 -20.55 -4.82 12.35
N THR B 272 -19.34 -4.56 11.88
CA THR B 272 -18.72 -3.26 12.15
C THR B 272 -19.43 -2.08 11.48
N CYS B 273 -20.07 -2.37 10.36
CA CYS B 273 -20.75 -1.36 9.56
C CYS B 273 -21.81 -0.54 10.26
N SER B 274 -22.46 -1.13 11.26
CA SER B 274 -23.55 -0.45 11.97
C SER B 274 -23.21 0.39 13.21
N SER B 275 -21.93 0.66 13.42
CA SER B 275 -21.54 1.50 14.55
C SER B 275 -20.20 2.20 14.36
N VAL B 276 -20.03 3.31 15.06
CA VAL B 276 -18.77 4.04 15.09
C VAL B 276 -18.47 4.07 16.59
N LEU B 277 -17.35 3.48 16.99
CA LEU B 277 -16.97 3.40 18.41
C LEU B 277 -16.02 4.53 18.78
N ILE B 278 -16.20 5.10 19.95
CA ILE B 278 -15.36 6.20 20.41
C ILE B 278 -14.90 5.98 21.84
N ASN B 279 -13.66 6.34 22.13
CA ASN B 279 -13.11 6.22 23.48
C ASN B 279 -12.96 7.66 23.93
N LYS B 280 -13.82 8.10 24.83
CA LYS B 280 -13.80 9.46 25.36
C LYS B 280 -12.97 9.59 26.63
N HCS C . 9.66 2.67 -20.13
CA HCS C . 10.74 3.37 -19.41
CB HCS C . 11.45 2.39 -18.47
CG HCS C . 12.47 3.10 -17.58
SD HCS C . 13.23 2.00 -16.33
C HCS C . 11.72 3.93 -20.44
OXT HCS C . 11.81 3.44 -21.56
O HCS C . 12.45 4.88 -20.13
N HCS D . -25.52 -1.11 1.38
CA HCS D . -24.40 -0.35 1.94
CB HCS D . -23.56 -1.27 2.82
CG HCS D . -22.45 -0.49 3.54
SD HCS D . -21.53 -1.51 4.75
C HCS D . -23.55 0.21 0.81
OXT HCS D . -23.60 -0.29 -0.32
O HCS D . -22.81 1.18 1.02
C1 CIT E . -32.87 -13.57 14.09
O1 CIT E . -33.25 -12.72 13.28
O2 CIT E . -32.48 -14.65 13.67
C2 CIT E . -32.84 -13.24 15.59
C3 CIT E . -34.22 -12.96 16.20
O7 CIT E . -34.96 -14.19 16.21
C4 CIT E . -34.09 -12.47 17.65
C5 CIT E . -35.44 -12.04 18.22
O3 CIT E . -35.50 -11.25 19.16
O4 CIT E . -36.49 -12.43 17.72
C6 CIT E . -34.99 -11.96 15.35
O5 CIT E . -34.57 -10.80 15.24
O6 CIT E . -36.02 -12.29 14.75
#